data_8JI0
#
_entry.id   8JI0
#
_cell.length_a   1.00
_cell.length_b   1.00
_cell.length_c   1.00
_cell.angle_alpha   90.00
_cell.angle_beta   90.00
_cell.angle_gamma   90.00
#
_symmetry.space_group_name_H-M   'P 1'
#
loop_
_entity.id
_entity.type
_entity.pdbx_description
1 polymer 'Transmembrane protease serine 2'
2 polymer 'Maltose/maltodextrin-binding periplasmic protein,Hemorrhagic toxin'
#
loop_
_entity_poly.entity_id
_entity_poly.type
_entity_poly.pdbx_seq_one_letter_code
_entity_poly.pdbx_strand_id
1 'polypeptide(L)'
;MGILPSPGMPALLSLVSLLSVLLMGCVAETGHHHHHHWKFMGSKCSNSGIECDSSGTCINPSNWCDGVSHCPGGEDENRC
VRLYGPNFILQVYSSQRKSWHPVCQDDWNENYGRAACRDMGYKNNFYSSQGIVDDSGSTSFMKLNTSAGNVDIYKKLYHS
DACSSKAVVSLRCIACGVNLNSSRQSQIVGGESALPGAWPWQVSLHVQNVHVCGGSIITPEWIVTAAHCVEKPLNNPWHW
TAFAGILRQSFMFYGAGYQVEKVISHPNYDSKTKNNDIALMKLQKPLTFNDLVKPVCLPNPGMMLQPEQLCWISGWGATE
EKGKTSEVLNAAKVLLIETQRCNSRYVYDNLITPAMICAGFLQGNVDSCQGDSGGPLVTSKNNIWWLIGDTSWGSGCAKA
YRPGVYGNVMVFTDWIYRQMRADG
;
B
2 'polypeptide(L)'
;MASMTGGQQMGRGSHHHHHHHHMKIEEGKLVIWINGDKGYNGLAEVGKKFEKDTGIKVTVEHPDKLEEKFPQVAATGDGP
DIIFWAHDRFGGYAQSGLLAEITPDKAFQDKLYPFTWDAVRYNGKLIAYPIAVEALSLIYNKDLLPNPPKTWEEIPALDK
ELKAKGKSALMFNLQEPYFTWPLIAADGGYAFKYENGKYDIKDVGVDNAGAKAGLTFLVDLIKNKHMNADTDYSIAEAAF
NKGETAMTINGPWAWSNIDTSKVNYGVTVLPTFKGQPSKPFVGVLSAGINAASPNKELAKEFLENYLLTDEGLEAVNKDK
PLGAVALKSYEEELAKDPRIAATMENAQKGEIMPNIPQMSAFWYAVRTAVINAASGRQTVDEALKDAQTGSSSLEVLFQG
PEFCTINNEKYYFSYDGILQNGYITIGRLNFYFDSNNDSKMTTGVFKGPNGFEYFAPANTYNNNLEGQAIVYQNKFLTIN
GKKYYFDNKSKAVTGWQTIDGKKYYFNPNTAIAAMGWQAIDGKKYYFNPNTAIATTGWQTIDGKKYYFNPNTAIAATGWQ
AIDGKKYYFNPNTATTSIGYTTINSKNFYFNNDGIMQLGVFKGPDGFEYFAPANTHNNNEEGQSITYQNKFLIFNEDVYY
FDSSSKAVTGWRTIDDHRFYFEPNTGIGANGYKTLDGKNFYFRNGLPQFGVFKGPDGFEYFAPANTHNNNEEGQSITYQN
KFLVFLGNRYYFDSSSKAVTGWQTINGNTYYFMPDTAIAAAGGFFTIDGAIYFFGIDGVKQPGIYG
;
A
#
# COMPACT_ATOMS: atom_id res chain seq x y z
N GLY A 74 -23.96 -15.17 17.40
CA GLY A 74 -23.19 -16.19 16.70
C GLY A 74 -22.78 -15.75 15.31
N GLU A 75 -22.27 -14.53 15.20
CA GLU A 75 -21.81 -13.98 13.93
C GLU A 75 -20.29 -13.87 13.83
N ASP A 76 -19.57 -14.03 14.93
CA ASP A 76 -18.11 -14.01 14.95
C ASP A 76 -17.56 -15.41 15.15
N GLU A 77 -18.24 -16.42 14.60
CA GLU A 77 -17.83 -17.81 14.75
C GLU A 77 -18.74 -18.75 13.98
N ASN A 78 -20.01 -18.87 14.40
CA ASN A 78 -20.91 -19.86 13.83
C ASN A 78 -21.52 -19.39 12.51
N ARG A 79 -20.95 -18.37 11.88
CA ARG A 79 -21.43 -17.91 10.59
C ARG A 79 -20.27 -17.53 9.67
N CYS A 80 -19.07 -17.98 10.00
CA CYS A 80 -17.86 -17.60 9.27
C CYS A 80 -17.55 -18.65 8.21
N VAL A 81 -17.45 -18.20 6.95
CA VAL A 81 -17.05 -19.04 5.83
C VAL A 81 -15.68 -18.59 5.36
N ARG A 82 -14.93 -19.52 4.78
CA ARG A 82 -13.58 -19.23 4.30
C ARG A 82 -13.27 -20.07 3.07
N LEU A 83 -12.80 -19.41 2.01
CA LEU A 83 -12.20 -20.13 0.90
C LEU A 83 -10.83 -20.64 1.33
N TYR A 84 -10.43 -21.78 0.76
CA TYR A 84 -9.23 -22.47 1.20
C TYR A 84 -8.40 -22.93 0.01
N GLY A 85 -7.08 -22.81 0.16
CA GLY A 85 -6.14 -23.41 -0.76
C GLY A 85 -6.04 -22.68 -2.09
N PRO A 86 -5.12 -23.14 -2.95
CA PRO A 86 -5.01 -22.57 -4.29
C PRO A 86 -6.14 -22.98 -5.22
N ASN A 87 -7.06 -23.84 -4.77
CA ASN A 87 -8.18 -24.29 -5.59
C ASN A 87 -9.51 -23.66 -5.18
N PHE A 88 -9.52 -22.79 -4.19
CA PHE A 88 -10.72 -22.07 -3.78
C PHE A 88 -11.81 -23.05 -3.33
N ILE A 89 -11.48 -23.83 -2.30
CA ILE A 89 -12.40 -24.81 -1.73
C ILE A 89 -13.20 -24.14 -0.62
N LEU A 90 -14.51 -24.01 -0.81
CA LEU A 90 -15.35 -23.36 0.18
C LEU A 90 -15.41 -24.18 1.46
N GLN A 91 -15.43 -23.49 2.60
CA GLN A 91 -15.51 -24.15 3.90
C GLN A 91 -16.40 -23.33 4.83
N VAL A 92 -16.92 -24.01 5.84
CA VAL A 92 -17.77 -23.40 6.87
C VAL A 92 -17.30 -23.90 8.23
N TYR A 93 -17.23 -22.99 9.20
CA TYR A 93 -16.74 -23.34 10.52
C TYR A 93 -17.79 -24.14 11.29
N SER A 94 -17.32 -25.17 12.00
CA SER A 94 -18.19 -26.04 12.79
C SER A 94 -17.89 -25.78 14.27
N SER A 95 -18.77 -24.99 14.91
CA SER A 95 -18.55 -24.67 16.32
C SER A 95 -18.63 -25.90 17.21
N GLN A 96 -19.44 -26.89 16.81
CA GLN A 96 -19.59 -28.09 17.63
C GLN A 96 -18.27 -28.82 17.81
N ARG A 97 -17.49 -28.94 16.73
CA ARG A 97 -16.20 -29.61 16.78
C ARG A 97 -15.02 -28.66 16.70
N LYS A 98 -15.27 -27.36 16.52
CA LYS A 98 -14.20 -26.36 16.45
C LYS A 98 -13.24 -26.65 15.30
N SER A 99 -13.79 -26.66 14.09
CA SER A 99 -13.01 -27.00 12.91
C SER A 99 -13.59 -26.32 11.67
N TRP A 100 -12.75 -26.22 10.64
CA TRP A 100 -13.16 -25.80 9.31
C TRP A 100 -13.50 -27.02 8.49
N HIS A 101 -14.66 -27.01 7.84
CA HIS A 101 -15.08 -28.16 7.05
C HIS A 101 -15.45 -27.73 5.64
N PRO A 102 -15.24 -28.58 4.64
CA PRO A 102 -15.73 -28.29 3.29
C PRO A 102 -17.22 -28.60 3.21
N VAL A 103 -17.78 -28.37 2.02
CA VAL A 103 -19.21 -28.54 1.77
C VAL A 103 -19.40 -29.49 0.61
N CYS A 104 -20.30 -30.46 0.77
CA CYS A 104 -20.60 -31.39 -0.31
C CYS A 104 -21.27 -30.67 -1.47
N GLN A 105 -21.02 -31.15 -2.69
CA GLN A 105 -21.53 -30.49 -3.88
C GLN A 105 -23.01 -30.76 -4.14
N ASP A 106 -23.56 -31.83 -3.57
CA ASP A 106 -24.96 -32.15 -3.83
C ASP A 106 -25.88 -31.07 -3.29
N ASP A 107 -27.01 -30.87 -3.97
CA ASP A 107 -28.04 -29.91 -3.57
C ASP A 107 -27.59 -28.47 -3.78
N TRP A 108 -26.35 -28.28 -4.21
CA TRP A 108 -25.77 -26.95 -4.30
C TRP A 108 -25.98 -26.37 -5.69
N ASN A 109 -26.17 -25.06 -5.75
CA ASN A 109 -26.39 -24.36 -7.01
C ASN A 109 -25.64 -23.04 -6.94
N GLU A 110 -25.94 -22.14 -7.88
CA GLU A 110 -25.26 -20.85 -7.90
C GLU A 110 -25.76 -19.91 -6.81
N ASN A 111 -27.01 -20.06 -6.38
CA ASN A 111 -27.55 -19.14 -5.39
C ASN A 111 -26.82 -19.23 -4.06
N TYR A 112 -26.52 -20.44 -3.60
CA TYR A 112 -25.79 -20.57 -2.35
C TYR A 112 -24.34 -20.15 -2.51
N GLY A 113 -23.77 -20.31 -3.71
CA GLY A 113 -22.47 -19.74 -3.98
C GLY A 113 -22.48 -18.22 -3.84
N ARG A 114 -23.50 -17.58 -4.39
CA ARG A 114 -23.62 -16.13 -4.26
C ARG A 114 -23.81 -15.73 -2.81
N ALA A 115 -24.59 -16.50 -2.06
CA ALA A 115 -24.76 -16.20 -0.64
C ALA A 115 -23.44 -16.30 0.11
N ALA A 116 -22.67 -17.35 -0.16
CA ALA A 116 -21.38 -17.51 0.51
C ALA A 116 -20.39 -16.43 0.10
N CYS A 117 -20.48 -15.95 -1.14
CA CYS A 117 -19.62 -14.84 -1.55
C CYS A 117 -20.02 -13.54 -0.85
N ARG A 118 -21.32 -13.23 -0.85
CA ARG A 118 -21.79 -12.01 -0.21
C ARG A 118 -21.42 -11.99 1.27
N ASP A 119 -21.57 -13.13 1.95
CA ASP A 119 -21.16 -13.19 3.35
C ASP A 119 -19.70 -12.84 3.53
N MET A 120 -18.86 -13.17 2.55
CA MET A 120 -17.42 -12.95 2.66
C MET A 120 -16.99 -11.54 2.30
N GLY A 121 -17.94 -10.60 2.20
CA GLY A 121 -17.61 -9.22 1.94
C GLY A 121 -17.46 -8.84 0.48
N TYR A 122 -17.65 -9.78 -0.44
CA TYR A 122 -17.50 -9.47 -1.85
C TYR A 122 -18.74 -8.84 -2.46
N LYS A 123 -19.81 -8.69 -1.68
CA LYS A 123 -21.06 -8.11 -2.17
C LYS A 123 -21.56 -8.85 -3.40
N ASN A 124 -21.56 -8.20 -4.56
CA ASN A 124 -22.19 -8.74 -5.75
C ASN A 124 -21.21 -9.43 -6.69
N ASN A 125 -19.95 -9.60 -6.30
CA ASN A 125 -18.96 -10.22 -7.17
C ASN A 125 -19.08 -11.74 -7.08
N PHE A 126 -19.41 -12.36 -8.21
CA PHE A 126 -19.48 -13.82 -8.32
C PHE A 126 -18.88 -14.23 -9.66
N TYR A 127 -17.96 -15.18 -9.63
CA TYR A 127 -17.24 -15.61 -10.82
C TYR A 127 -17.62 -17.01 -11.27
N SER A 128 -17.47 -18.02 -10.43
CA SER A 128 -17.77 -19.38 -10.84
C SER A 128 -17.73 -20.31 -9.64
N SER A 129 -18.63 -21.29 -9.64
CA SER A 129 -18.63 -22.36 -8.66
C SER A 129 -18.79 -23.70 -9.37
N GLN A 130 -18.01 -24.68 -8.95
CA GLN A 130 -18.07 -26.01 -9.56
C GLN A 130 -17.52 -27.03 -8.57
N GLY A 131 -17.89 -28.29 -8.79
CA GLY A 131 -17.39 -29.36 -7.94
C GLY A 131 -16.02 -29.84 -8.40
N ILE A 132 -15.17 -30.13 -7.43
CA ILE A 132 -13.81 -30.60 -7.69
C ILE A 132 -13.55 -31.81 -6.80
N VAL A 133 -12.85 -32.81 -7.36
CA VAL A 133 -12.59 -34.02 -6.60
C VAL A 133 -11.85 -33.66 -5.32
N ASP A 134 -12.35 -34.15 -4.19
CA ASP A 134 -11.74 -33.83 -2.91
C ASP A 134 -10.29 -34.28 -2.90
N ASP A 135 -9.41 -33.40 -2.45
CA ASP A 135 -7.97 -33.67 -2.40
C ASP A 135 -7.34 -33.44 -1.05
N SER A 136 -7.95 -32.62 -0.18
CA SER A 136 -7.38 -32.38 1.13
C SER A 136 -7.29 -33.66 1.94
N GLY A 137 -8.17 -34.63 1.68
CA GLY A 137 -8.12 -35.93 2.31
C GLY A 137 -8.98 -36.08 3.54
N SER A 138 -9.44 -34.98 4.14
CA SER A 138 -10.28 -35.07 5.32
C SER A 138 -11.64 -35.66 4.98
N THR A 139 -12.19 -36.44 5.92
CA THR A 139 -13.46 -37.13 5.73
C THR A 139 -14.49 -36.52 6.67
N SER A 140 -15.10 -35.42 6.23
CA SER A 140 -16.20 -34.77 6.92
C SER A 140 -16.70 -33.63 6.07
N PHE A 141 -18.00 -33.34 6.13
CA PHE A 141 -18.59 -32.34 5.25
C PHE A 141 -19.77 -31.68 5.93
N MET A 142 -19.92 -30.38 5.67
CA MET A 142 -21.09 -29.64 6.12
C MET A 142 -22.15 -29.77 5.02
N LYS A 143 -23.02 -30.78 5.16
CA LYS A 143 -24.03 -31.06 4.14
C LYS A 143 -25.18 -30.08 4.24
N LEU A 144 -25.72 -29.71 3.08
CA LEU A 144 -26.78 -28.71 2.99
C LEU A 144 -28.15 -29.36 3.17
N ASN A 145 -29.13 -28.52 3.52
CA ASN A 145 -30.52 -28.92 3.67
C ASN A 145 -31.39 -28.13 2.70
N THR A 146 -32.55 -28.69 2.39
CA THR A 146 -33.51 -28.07 1.48
C THR A 146 -34.85 -27.77 2.14
N SER A 147 -35.33 -28.65 3.02
CA SER A 147 -36.65 -28.52 3.63
C SER A 147 -36.61 -27.73 4.94
N ALA A 148 -35.49 -27.08 5.24
CA ALA A 148 -35.41 -26.27 6.45
C ALA A 148 -36.28 -25.02 6.35
N GLY A 149 -36.63 -24.61 5.14
CA GLY A 149 -37.39 -23.40 4.91
C GLY A 149 -36.47 -22.25 4.53
N ASN A 150 -37.10 -21.09 4.30
CA ASN A 150 -36.37 -19.89 3.90
C ASN A 150 -35.61 -19.36 5.11
N VAL A 151 -34.56 -20.08 5.51
CA VAL A 151 -33.80 -19.75 6.71
C VAL A 151 -32.38 -19.35 6.30
N ASP A 152 -31.56 -18.99 7.28
CA ASP A 152 -30.17 -18.64 6.98
C ASP A 152 -29.48 -19.80 6.26
N ILE A 153 -28.65 -19.45 5.28
CA ILE A 153 -27.95 -20.48 4.51
C ILE A 153 -27.12 -21.37 5.45
N TYR A 154 -26.41 -20.75 6.39
CA TYR A 154 -25.58 -21.47 7.36
C TYR A 154 -26.36 -21.97 8.55
N LYS A 155 -27.66 -21.74 8.60
CA LYS A 155 -28.51 -22.51 9.51
C LYS A 155 -28.69 -23.93 9.00
N LYS A 156 -28.45 -24.17 7.71
CA LYS A 156 -28.74 -25.47 7.13
C LYS A 156 -27.52 -26.39 7.15
N LEU A 157 -26.36 -25.92 6.69
CA LEU A 157 -25.18 -26.77 6.61
C LEU A 157 -24.96 -27.53 7.91
N TYR A 158 -25.06 -28.85 7.84
CA TYR A 158 -24.91 -29.73 8.98
C TYR A 158 -23.92 -30.85 8.61
N HIS A 159 -23.45 -31.55 9.64
CA HIS A 159 -22.38 -32.52 9.44
C HIS A 159 -22.89 -33.75 8.70
N SER A 160 -21.95 -34.58 8.27
CA SER A 160 -22.25 -35.85 7.64
C SER A 160 -20.95 -36.60 7.45
N ASP A 161 -21.02 -37.94 7.54
CA ASP A 161 -19.81 -38.74 7.40
C ASP A 161 -19.23 -38.60 6.00
N ALA A 162 -20.07 -38.74 4.97
CA ALA A 162 -19.61 -38.60 3.60
C ALA A 162 -20.83 -38.57 2.68
N CYS A 163 -20.79 -37.68 1.70
CA CYS A 163 -21.86 -37.59 0.73
C CYS A 163 -21.64 -38.58 -0.41
N SER A 164 -22.69 -38.78 -1.21
CA SER A 164 -22.63 -39.69 -2.35
C SER A 164 -22.21 -38.99 -3.63
N SER A 165 -22.06 -37.67 -3.62
CA SER A 165 -21.66 -36.93 -4.82
C SER A 165 -20.16 -37.02 -5.08
N LYS A 166 -19.36 -37.39 -4.08
CA LYS A 166 -17.91 -37.57 -4.23
C LYS A 166 -17.22 -36.29 -4.67
N ALA A 167 -17.84 -35.13 -4.46
CA ALA A 167 -17.30 -33.87 -4.92
C ALA A 167 -17.52 -32.79 -3.87
N VAL A 168 -16.50 -31.97 -3.65
CA VAL A 168 -16.60 -30.83 -2.76
C VAL A 168 -16.72 -29.57 -3.61
N VAL A 169 -17.19 -28.51 -2.99
CA VAL A 169 -17.50 -27.26 -3.69
C VAL A 169 -16.25 -26.40 -3.78
N SER A 170 -16.07 -25.77 -4.94
CA SER A 170 -15.05 -24.76 -5.13
C SER A 170 -15.73 -23.50 -5.63
N LEU A 171 -15.43 -22.36 -5.00
CA LEU A 171 -16.19 -21.14 -5.21
C LEU A 171 -15.22 -19.98 -5.38
N ARG A 172 -15.25 -19.34 -6.55
CA ARG A 172 -14.46 -18.15 -6.83
C ARG A 172 -15.40 -16.95 -6.90
N CYS A 173 -15.19 -15.98 -6.01
CA CYS A 173 -16.06 -14.82 -5.91
C CYS A 173 -15.65 -13.68 -6.82
N ILE A 174 -14.46 -13.73 -7.41
CA ILE A 174 -13.98 -12.64 -8.24
C ILE A 174 -12.91 -13.19 -9.17
N ALA A 175 -12.95 -12.75 -10.42
CA ALA A 175 -11.94 -13.12 -11.41
C ALA A 175 -10.70 -12.27 -11.21
N CYS A 176 -9.57 -12.91 -10.96
CA CYS A 176 -8.37 -12.17 -10.59
C CYS A 176 -7.14 -13.02 -10.89
N GLY A 177 -5.99 -12.37 -10.92
CA GLY A 177 -4.73 -13.08 -11.03
C GLY A 177 -4.33 -13.48 -12.43
N VAL A 178 -4.83 -12.78 -13.45
CA VAL A 178 -4.50 -13.05 -14.84
C VAL A 178 -4.00 -11.77 -15.48
N ASN A 179 -2.85 -11.84 -16.14
CA ASN A 179 -2.23 -10.69 -16.79
C ASN A 179 -1.81 -11.06 -18.21
N LEU A 180 -1.53 -10.03 -19.00
CA LEU A 180 -1.08 -10.22 -20.37
C LEU A 180 0.29 -10.88 -20.38
N ASN A 181 0.53 -11.69 -21.40
CA ASN A 181 1.81 -12.39 -21.55
C ASN A 181 2.82 -11.53 -22.30
N GLU A 192 14.32 -3.53 -16.24
CA GLU A 192 13.71 -3.01 -17.45
C GLU A 192 12.30 -2.49 -17.16
N SER A 193 11.68 -1.88 -18.17
CA SER A 193 10.34 -1.35 -18.03
C SER A 193 9.31 -2.45 -18.24
N ALA A 194 8.11 -2.22 -17.70
CA ALA A 194 7.01 -3.16 -17.84
C ALA A 194 6.06 -2.69 -18.94
N LEU A 195 5.61 -3.63 -19.75
CA LEU A 195 4.75 -3.33 -20.88
C LEU A 195 3.31 -3.12 -20.43
N PRO A 196 2.48 -2.48 -21.25
CA PRO A 196 1.09 -2.25 -20.85
C PRO A 196 0.36 -3.57 -20.59
N GLY A 197 -0.45 -3.57 -19.53
CA GLY A 197 -1.24 -4.74 -19.21
C GLY A 197 -0.50 -5.88 -18.57
N ALA A 198 0.75 -5.66 -18.14
CA ALA A 198 1.49 -6.71 -17.46
C ALA A 198 1.25 -6.70 -15.95
N TRP A 199 0.99 -5.52 -15.37
CA TRP A 199 0.66 -5.38 -13.96
C TRP A 199 -0.58 -4.51 -13.85
N PRO A 200 -1.73 -5.02 -14.31
CA PRO A 200 -2.94 -4.19 -14.32
C PRO A 200 -3.41 -3.80 -12.93
N TRP A 201 -2.92 -4.45 -11.88
CA TRP A 201 -3.34 -4.20 -10.51
C TRP A 201 -2.50 -3.14 -9.81
N GLN A 202 -1.54 -2.54 -10.50
CA GLN A 202 -0.70 -1.51 -9.90
C GLN A 202 -1.39 -0.15 -10.00
N VAL A 203 -1.31 0.62 -8.92
CA VAL A 203 -1.83 1.98 -8.90
C VAL A 203 -0.81 2.88 -8.25
N SER A 204 -0.90 4.17 -8.60
CA SER A 204 -0.05 5.21 -8.06
C SER A 204 -0.92 6.20 -7.30
N LEU A 205 -0.49 6.55 -6.09
CA LEU A 205 -1.25 7.42 -5.20
C LEU A 205 -0.60 8.80 -5.18
N HIS A 206 -1.41 9.83 -5.39
CA HIS A 206 -0.92 11.19 -5.60
C HIS A 206 -1.40 12.08 -4.46
N VAL A 207 -0.49 12.46 -3.58
CA VAL A 207 -0.74 13.49 -2.57
C VAL A 207 -0.11 14.77 -3.09
N GLN A 208 -0.96 15.73 -3.48
CA GLN A 208 -0.52 17.00 -4.04
C GLN A 208 0.27 16.79 -5.34
N ASN A 209 -0.34 16.07 -6.26
CA ASN A 209 0.12 15.95 -7.64
C ASN A 209 1.48 15.27 -7.77
N VAL A 210 1.96 14.61 -6.72
CA VAL A 210 3.28 13.99 -6.73
C VAL A 210 3.16 12.56 -6.22
N HIS A 211 3.81 11.64 -6.92
CA HIS A 211 3.73 10.22 -6.58
C HIS A 211 4.38 9.97 -5.22
N VAL A 212 3.59 9.47 -4.27
CA VAL A 212 4.04 9.26 -2.91
C VAL A 212 4.05 7.78 -2.55
N CYS A 213 2.98 7.04 -2.87
CA CYS A 213 2.87 5.63 -2.55
C CYS A 213 2.17 4.91 -3.69
N GLY A 214 2.41 3.60 -3.76
CA GLY A 214 1.73 2.73 -4.70
C GLY A 214 0.49 2.10 -4.10
N GLY A 215 0.08 0.99 -4.70
CA GLY A 215 -1.09 0.29 -4.22
C GLY A 215 -1.29 -1.04 -4.93
N SER A 216 -2.45 -1.63 -4.69
CA SER A 216 -2.78 -2.93 -5.28
C SER A 216 -4.29 -3.10 -5.26
N ILE A 217 -4.89 -3.24 -6.44
CA ILE A 217 -6.32 -3.46 -6.55
C ILE A 217 -6.67 -4.85 -6.04
N ILE A 218 -7.72 -4.95 -5.25
CA ILE A 218 -8.22 -6.26 -4.81
C ILE A 218 -9.68 -6.42 -5.23
N THR A 219 -10.41 -5.31 -5.33
CA THR A 219 -11.75 -5.32 -5.89
C THR A 219 -11.96 -4.03 -6.68
N PRO A 220 -13.12 -3.85 -7.31
CA PRO A 220 -13.34 -2.61 -8.08
C PRO A 220 -13.28 -1.34 -7.24
N GLU A 221 -13.39 -1.43 -5.92
CA GLU A 221 -13.42 -0.24 -5.09
C GLU A 221 -12.63 -0.39 -3.80
N TRP A 222 -11.55 -1.16 -3.83
CA TRP A 222 -10.68 -1.30 -2.67
C TRP A 222 -9.24 -1.46 -3.15
N ILE A 223 -8.33 -0.74 -2.49
CA ILE A 223 -6.92 -0.74 -2.83
C ILE A 223 -6.12 -0.94 -1.54
N VAL A 224 -5.14 -1.82 -1.59
CA VAL A 224 -4.28 -2.11 -0.44
C VAL A 224 -3.04 -1.24 -0.53
N THR A 225 -2.59 -0.76 0.62
CA THR A 225 -1.36 0.02 0.71
C THR A 225 -0.86 -0.05 2.14
N ALA A 226 0.07 0.83 2.50
CA ALA A 226 0.71 0.80 3.81
C ALA A 226 0.09 1.84 4.74
N ALA A 227 0.25 1.59 6.05
CA ALA A 227 -0.28 2.49 7.06
C ALA A 227 0.58 3.73 7.22
N HIS A 228 1.90 3.60 7.08
CA HIS A 228 2.75 4.79 7.22
C HIS A 228 2.54 5.76 6.06
N CYS A 229 1.91 5.32 4.97
CA CYS A 229 1.59 6.25 3.89
C CYS A 229 0.49 7.22 4.29
N VAL A 230 -0.50 6.77 5.07
CA VAL A 230 -1.70 7.54 5.35
C VAL A 230 -1.74 8.01 6.80
N GLU A 231 -0.69 7.77 7.58
CA GLU A 231 -0.65 8.20 8.96
C GLU A 231 -0.87 9.70 9.08
N LYS A 232 -1.09 10.00 10.33
CA LYS A 232 -1.41 11.21 11.11
C LYS A 232 -1.57 12.50 10.40
N PRO A 233 -0.56 13.18 9.85
CA PRO A 233 -0.75 14.38 9.16
C PRO A 233 -1.52 14.16 7.89
N LEU A 234 -1.29 13.07 7.22
CA LEU A 234 -1.83 12.94 5.87
C LEU A 234 -3.03 12.05 5.93
N ASN A 235 -4.12 12.29 6.63
CA ASN A 235 -5.05 11.14 6.79
C ASN A 235 -6.41 11.44 6.34
N ASN A 236 -6.55 12.49 5.64
CA ASN A 236 -7.89 12.73 5.20
C ASN A 236 -8.03 12.05 3.90
N PRO A 237 -9.08 11.32 3.55
CA PRO A 237 -9.35 10.96 2.18
C PRO A 237 -9.46 11.98 1.04
N TRP A 238 -8.95 13.14 1.20
CA TRP A 238 -9.27 14.22 0.33
C TRP A 238 -7.94 14.68 -0.12
N HIS A 239 -6.99 14.17 0.52
CA HIS A 239 -5.61 14.45 0.11
C HIS A 239 -5.16 13.52 -1.02
N TRP A 240 -5.71 12.32 -1.10
CA TRP A 240 -5.20 11.26 -1.95
C TRP A 240 -5.95 11.18 -3.28
N THR A 241 -5.31 10.53 -4.24
CA THR A 241 -5.86 10.31 -5.57
C THR A 241 -5.09 9.17 -6.21
N ALA A 242 -5.78 8.30 -6.96
CA ALA A 242 -5.21 7.08 -7.50
C ALA A 242 -5.28 7.06 -9.01
N PHE A 243 -4.26 6.47 -9.64
CA PHE A 243 -4.17 6.33 -11.09
C PHE A 243 -3.86 4.88 -11.43
N ALA A 244 -4.66 4.29 -12.30
CA ALA A 244 -4.53 2.88 -12.66
C ALA A 244 -4.49 2.73 -14.18
N GLY A 245 -3.64 1.81 -14.64
CA GLY A 245 -3.51 1.54 -16.05
C GLY A 245 -2.62 2.49 -16.82
N ILE A 246 -2.03 3.48 -16.16
CA ILE A 246 -1.16 4.45 -16.77
C ILE A 246 0.26 4.12 -16.37
N LEU A 247 1.17 4.04 -17.36
CA LEU A 247 2.54 3.62 -17.09
C LEU A 247 3.50 4.76 -16.84
N ARG A 248 3.24 5.94 -17.39
CA ARG A 248 4.19 7.06 -17.35
C ARG A 248 3.73 8.06 -16.30
N GLN A 249 4.62 8.38 -15.36
CA GLN A 249 4.33 9.42 -14.37
C GLN A 249 3.96 10.72 -15.04
N SER A 250 4.59 11.03 -16.18
CA SER A 250 4.27 12.26 -16.89
C SER A 250 2.82 12.24 -17.39
N PHE A 251 2.25 11.06 -17.59
CA PHE A 251 0.90 10.93 -18.11
C PHE A 251 -0.16 10.82 -17.03
N MET A 252 0.21 10.95 -15.76
CA MET A 252 -0.76 10.98 -14.66
C MET A 252 -1.13 12.43 -14.41
N PHE A 253 -2.09 12.94 -15.16
CA PHE A 253 -2.47 14.34 -15.11
C PHE A 253 -3.19 14.67 -13.82
N TYR A 254 -3.33 15.97 -13.57
CA TYR A 254 -4.16 16.46 -12.48
C TYR A 254 -5.63 16.38 -12.85
N GLY A 255 -6.46 15.96 -11.90
CA GLY A 255 -7.87 15.85 -12.12
C GLY A 255 -8.31 14.63 -12.89
N ALA A 256 -7.41 13.67 -13.15
CA ALA A 256 -7.74 12.47 -13.90
C ALA A 256 -7.72 11.21 -13.05
N GLY A 257 -7.24 11.28 -11.81
CA GLY A 257 -7.20 10.12 -10.95
C GLY A 257 -8.53 9.85 -10.29
N TYR A 258 -8.53 8.85 -9.41
CA TYR A 258 -9.73 8.43 -8.71
C TYR A 258 -9.66 8.91 -7.26
N GLN A 259 -10.70 9.61 -6.82
CA GLN A 259 -10.73 10.21 -5.49
C GLN A 259 -11.01 9.15 -4.45
N VAL A 260 -10.23 9.16 -3.36
CA VAL A 260 -10.37 8.19 -2.29
C VAL A 260 -11.39 8.70 -1.28
N GLU A 261 -12.45 7.93 -1.06
CA GLU A 261 -13.56 8.36 -0.22
C GLU A 261 -13.45 7.84 1.21
N LYS A 262 -12.38 7.16 1.57
CA LYS A 262 -12.17 6.74 2.94
C LYS A 262 -10.78 6.16 3.08
N VAL A 263 -10.21 6.31 4.28
CA VAL A 263 -8.88 5.82 4.59
C VAL A 263 -8.98 5.02 5.88
N ILE A 264 -8.60 3.75 5.83
CA ILE A 264 -8.73 2.83 6.96
C ILE A 264 -7.37 2.23 7.24
N SER A 265 -6.78 2.58 8.38
CA SER A 265 -5.53 2.02 8.83
C SER A 265 -5.78 0.97 9.91
N HIS A 266 -4.89 0.01 9.99
CA HIS A 266 -5.05 -1.06 10.95
C HIS A 266 -4.96 -0.50 12.36
N PRO A 267 -5.93 -0.79 13.24
CA PRO A 267 -5.85 -0.23 14.60
C PRO A 267 -4.59 -0.60 15.35
N ASN A 268 -4.04 -1.79 15.13
CA ASN A 268 -2.82 -2.20 15.83
C ASN A 268 -1.61 -1.41 15.38
N TYR A 269 -1.64 -0.83 14.18
CA TYR A 269 -0.47 -0.14 13.63
C TYR A 269 0.24 0.69 14.69
N ASP A 270 1.55 0.48 14.81
CA ASP A 270 2.40 1.18 15.77
C ASP A 270 3.36 2.07 15.01
N SER A 271 3.26 3.39 15.19
CA SER A 271 3.99 4.32 14.35
C SER A 271 5.51 4.13 14.45
N LYS A 272 6.01 3.55 15.54
CA LYS A 272 7.44 3.35 15.69
C LYS A 272 7.93 2.09 14.99
N THR A 273 7.32 0.94 15.30
CA THR A 273 7.78 -0.35 14.80
C THR A 273 7.22 -0.70 13.43
N LYS A 274 6.36 0.17 13.06
CA LYS A 274 5.50 0.08 11.91
C LYS A 274 4.84 -1.27 11.71
N ASN A 275 4.69 -2.11 12.78
CA ASN A 275 4.01 -3.39 12.85
C ASN A 275 2.59 -3.26 12.33
N ASN A 276 2.14 -4.25 11.57
CA ASN A 276 0.79 -4.26 10.98
C ASN A 276 0.62 -3.12 9.99
N ASP A 277 1.68 -2.82 9.24
CA ASP A 277 1.69 -1.70 8.30
C ASP A 277 0.88 -2.07 7.07
N ILE A 278 -0.43 -1.83 7.15
CA ILE A 278 -1.34 -2.07 6.04
C ILE A 278 -2.52 -1.15 6.18
N ALA A 279 -2.98 -0.60 5.06
CA ALA A 279 -4.10 0.32 5.07
C ALA A 279 -5.02 0.01 3.89
N LEU A 280 -6.29 0.31 4.07
CA LEU A 280 -7.30 0.13 3.03
C LEU A 280 -7.79 1.50 2.59
N MET A 281 -7.89 1.70 1.28
CA MET A 281 -8.23 2.99 0.71
C MET A 281 -9.38 2.79 -0.28
N LYS A 282 -10.60 3.04 0.18
CA LYS A 282 -11.79 2.77 -0.59
C LYS A 282 -12.06 3.92 -1.56
N LEU A 283 -12.10 3.62 -2.85
CA LEU A 283 -12.31 4.64 -3.86
C LEU A 283 -13.77 5.10 -3.84
N GLN A 284 -13.98 6.33 -4.33
CA GLN A 284 -15.33 6.88 -4.38
C GLN A 284 -16.15 6.27 -5.50
N LYS A 285 -15.49 5.79 -6.57
CA LYS A 285 -16.16 5.16 -7.69
C LYS A 285 -15.48 3.84 -8.01
N PRO A 286 -16.22 2.85 -8.50
CA PRO A 286 -15.58 1.55 -8.79
C PRO A 286 -14.59 1.65 -9.94
N LEU A 287 -13.59 0.78 -9.90
CA LEU A 287 -12.65 0.65 -11.00
C LEU A 287 -13.25 -0.22 -12.10
N THR A 288 -13.14 0.25 -13.33
CA THR A 288 -13.56 -0.52 -14.50
C THR A 288 -12.40 -1.40 -14.93
N PHE A 289 -12.66 -2.70 -15.05
CA PHE A 289 -11.61 -3.67 -15.30
C PHE A 289 -11.54 -4.00 -16.79
N ASN A 290 -10.31 -4.04 -17.31
CA ASN A 290 -10.06 -4.32 -18.71
C ASN A 290 -8.72 -5.04 -18.80
N ASP A 291 -8.14 -5.08 -20.00
CA ASP A 291 -6.84 -5.73 -20.17
C ASP A 291 -5.76 -5.03 -19.35
N LEU A 292 -5.88 -3.73 -19.15
CA LEU A 292 -4.88 -2.95 -18.42
C LEU A 292 -5.19 -2.79 -16.94
N VAL A 293 -6.42 -3.08 -16.50
CA VAL A 293 -6.80 -3.01 -15.09
C VAL A 293 -7.49 -4.30 -14.71
N LYS A 294 -7.00 -4.95 -13.65
CA LYS A 294 -7.51 -6.24 -13.21
C LYS A 294 -7.11 -6.43 -11.75
N PRO A 295 -7.90 -7.15 -10.97
CA PRO A 295 -7.53 -7.41 -9.57
C PRO A 295 -6.38 -8.39 -9.46
N VAL A 296 -5.85 -8.48 -8.23
CA VAL A 296 -4.87 -9.48 -7.85
C VAL A 296 -5.46 -10.28 -6.71
N CYS A 297 -5.48 -11.60 -6.83
CA CYS A 297 -6.14 -12.42 -5.83
C CYS A 297 -5.42 -12.33 -4.49
N LEU A 298 -6.17 -12.53 -3.43
CA LEU A 298 -5.63 -12.55 -2.09
C LEU A 298 -5.09 -13.93 -1.76
N PRO A 299 -4.15 -14.02 -0.82
CA PRO A 299 -3.64 -15.35 -0.42
C PRO A 299 -4.70 -16.13 0.36
N ASN A 300 -5.08 -17.28 -0.18
CA ASN A 300 -5.99 -18.17 0.52
C ASN A 300 -5.23 -18.95 1.60
N PRO A 301 -5.92 -19.39 2.66
CA PRO A 301 -5.23 -20.18 3.68
C PRO A 301 -4.71 -21.49 3.11
N GLY A 302 -3.55 -21.92 3.59
CA GLY A 302 -2.94 -23.15 3.12
C GLY A 302 -2.34 -23.04 1.74
N MET A 303 -1.31 -22.21 1.59
CA MET A 303 -0.64 -22.01 0.31
C MET A 303 0.73 -22.65 0.22
N MET A 304 1.39 -22.90 1.36
CA MET A 304 2.66 -23.61 1.39
C MET A 304 3.72 -22.89 0.55
N LEU A 305 4.02 -21.66 0.96
CA LEU A 305 5.08 -20.92 0.31
C LEU A 305 6.41 -21.65 0.46
N GLN A 306 7.07 -21.91 -0.67
CA GLN A 306 8.36 -22.58 -0.63
C GLN A 306 9.40 -21.64 -0.01
N PRO A 307 10.50 -22.18 0.51
CA PRO A 307 11.43 -21.33 1.28
C PRO A 307 11.90 -20.11 0.52
N GLU A 308 12.14 -20.22 -0.80
CA GLU A 308 12.63 -19.07 -1.56
C GLU A 308 11.90 -19.09 -2.91
N GLN A 309 10.80 -18.35 -2.96
CA GLN A 309 9.95 -18.32 -4.15
C GLN A 309 10.64 -17.54 -5.25
N LEU A 310 9.93 -17.31 -6.35
CA LEU A 310 10.36 -16.41 -7.41
C LEU A 310 9.22 -15.40 -7.59
N CYS A 311 9.30 -14.30 -6.85
CA CYS A 311 8.28 -13.26 -6.89
C CYS A 311 8.69 -12.18 -7.88
N TRP A 312 7.83 -11.17 -8.02
CA TRP A 312 8.15 -9.99 -8.79
C TRP A 312 7.77 -8.77 -7.97
N ILE A 313 8.47 -7.67 -8.19
CA ILE A 313 8.21 -6.40 -7.52
C ILE A 313 8.05 -5.33 -8.58
N SER A 314 7.00 -4.52 -8.45
CA SER A 314 6.69 -3.48 -9.41
C SER A 314 6.45 -2.15 -8.68
N GLY A 315 6.70 -1.07 -9.38
CA GLY A 315 6.42 0.25 -8.87
C GLY A 315 7.34 1.29 -9.48
N TRP A 316 6.96 2.55 -9.31
CA TRP A 316 7.75 3.68 -9.80
C TRP A 316 8.76 4.07 -8.71
N GLY A 317 10.04 3.92 -9.03
CA GLY A 317 11.08 4.29 -8.08
C GLY A 317 12.30 4.86 -8.76
N ALA A 318 13.49 4.35 -8.39
CA ALA A 318 14.72 4.73 -9.09
C ALA A 318 15.72 3.60 -8.86
N THR A 319 15.95 2.79 -9.91
CA THR A 319 17.01 1.79 -9.84
C THR A 319 18.33 2.44 -9.42
N GLU A 320 18.60 3.64 -9.94
CA GLU A 320 19.76 4.41 -9.53
C GLU A 320 19.54 4.97 -8.14
N GLU A 321 20.51 4.78 -7.25
CA GLU A 321 20.43 5.39 -5.94
C GLU A 321 20.62 6.90 -6.07
N LYS A 322 20.30 7.61 -4.99
CA LYS A 322 20.26 9.08 -5.03
C LYS A 322 19.27 9.56 -6.07
N GLY A 323 18.19 8.79 -6.26
CA GLY A 323 17.25 9.03 -7.32
C GLY A 323 15.93 9.59 -6.83
N LYS A 324 14.89 9.41 -7.65
CA LYS A 324 13.59 10.02 -7.44
C LYS A 324 12.54 9.05 -7.97
N THR A 325 11.33 9.55 -8.19
CA THR A 325 10.28 8.73 -8.80
C THR A 325 10.62 8.51 -10.27
N SER A 326 10.80 7.25 -10.66
CA SER A 326 11.16 6.96 -12.04
C SER A 326 10.05 7.39 -12.98
N GLU A 327 10.47 7.87 -14.16
CA GLU A 327 9.52 8.26 -15.20
C GLU A 327 8.73 7.06 -15.71
N VAL A 328 9.23 5.85 -15.52
CA VAL A 328 8.64 4.64 -16.07
C VAL A 328 8.39 3.65 -14.95
N LEU A 329 7.39 2.80 -15.15
CA LEU A 329 7.12 1.70 -14.22
C LEU A 329 8.00 0.51 -14.58
N ASN A 330 8.75 0.02 -13.61
CA ASN A 330 9.68 -1.08 -13.81
C ASN A 330 9.18 -2.31 -13.05
N ALA A 331 9.90 -3.40 -13.22
CA ALA A 331 9.58 -4.65 -12.53
C ALA A 331 10.87 -5.43 -12.36
N ALA A 332 11.04 -6.04 -11.18
CA ALA A 332 12.29 -6.70 -10.84
C ALA A 332 11.99 -8.03 -10.17
N LYS A 333 12.57 -9.11 -10.70
CA LYS A 333 12.46 -10.41 -10.07
C LYS A 333 13.10 -10.35 -8.69
N VAL A 334 12.40 -10.87 -7.69
CA VAL A 334 12.93 -10.91 -6.33
C VAL A 334 12.71 -12.31 -5.77
N LEU A 335 13.54 -12.66 -4.78
CA LEU A 335 13.52 -13.98 -4.18
C LEU A 335 13.19 -13.84 -2.70
N LEU A 336 12.18 -14.58 -2.25
CA LEU A 336 11.80 -14.52 -0.84
C LEU A 336 12.98 -14.93 0.03
N ILE A 337 12.91 -14.55 1.30
CA ILE A 337 13.95 -14.85 2.27
C ILE A 337 13.29 -15.36 3.54
N GLU A 338 13.83 -16.44 4.08
CA GLU A 338 13.26 -17.03 5.28
C GLU A 338 13.38 -16.06 6.46
N THR A 339 12.30 -15.97 7.24
CA THR A 339 12.30 -15.07 8.37
C THR A 339 13.33 -15.45 9.42
N GLN A 340 13.80 -16.70 9.44
CA GLN A 340 14.85 -17.07 10.37
C GLN A 340 16.21 -16.57 9.89
N ARG A 341 16.34 -16.29 8.60
CA ARG A 341 17.56 -15.69 8.07
C ARG A 341 17.49 -14.17 8.05
N CYS A 342 16.33 -13.61 7.69
CA CYS A 342 16.19 -12.17 7.63
C CYS A 342 16.24 -11.50 8.99
N ASN A 343 15.99 -12.24 10.08
CA ASN A 343 16.12 -11.71 11.43
C ASN A 343 17.44 -12.06 12.08
N SER A 344 18.34 -12.49 11.25
CA SER A 344 19.67 -12.83 11.78
C SER A 344 20.44 -11.59 12.25
N ARG A 345 21.61 -11.78 12.86
CA ARG A 345 22.37 -10.54 13.10
C ARG A 345 23.33 -10.28 11.97
N TYR A 346 22.89 -10.13 10.75
CA TYR A 346 23.79 -9.60 9.76
C TYR A 346 22.72 -9.05 8.95
N VAL A 347 21.53 -9.31 9.40
CA VAL A 347 20.58 -8.69 8.47
C VAL A 347 19.75 -7.65 9.20
N TYR A 348 18.95 -8.07 10.17
CA TYR A 348 18.08 -7.14 10.89
C TYR A 348 18.01 -7.39 12.39
N ASP A 349 18.69 -8.38 12.94
CA ASP A 349 18.66 -8.73 14.39
C ASP A 349 17.29 -8.57 15.07
N ASN A 350 16.33 -9.39 14.72
CA ASN A 350 14.96 -9.40 15.29
C ASN A 350 14.18 -8.15 15.00
N LEU A 351 14.45 -7.50 13.90
CA LEU A 351 13.61 -6.32 13.70
C LEU A 351 12.30 -6.83 13.13
N ILE A 352 12.23 -8.06 12.52
CA ILE A 352 11.09 -8.44 11.71
C ILE A 352 10.12 -9.25 12.56
N THR A 353 8.86 -8.85 12.55
CA THR A 353 7.79 -9.46 13.32
C THR A 353 7.03 -10.46 12.46
N PRO A 354 6.11 -11.22 13.05
CA PRO A 354 5.39 -12.24 12.28
C PRO A 354 4.60 -11.70 11.11
N ALA A 355 4.20 -10.43 11.13
CA ALA A 355 3.41 -9.85 10.06
C ALA A 355 4.26 -9.20 8.97
N MET A 356 5.55 -9.55 8.89
CA MET A 356 6.46 -8.94 7.94
C MET A 356 7.17 -10.02 7.12
N ILE A 357 7.53 -9.67 5.88
CA ILE A 357 8.14 -10.60 4.94
C ILE A 357 9.27 -9.91 4.20
N CYS A 358 10.38 -10.63 3.99
CA CYS A 358 11.52 -10.15 3.26
C CYS A 358 11.57 -10.75 1.86
N ALA A 359 12.00 -9.95 0.89
CA ALA A 359 12.17 -10.46 -0.48
C ALA A 359 13.26 -9.63 -1.16
N GLY A 360 14.48 -10.15 -1.17
CA GLY A 360 15.62 -9.50 -1.78
C GLY A 360 15.95 -10.09 -3.13
N PHE A 361 17.23 -10.01 -3.50
CA PHE A 361 17.73 -10.69 -4.69
C PHE A 361 19.23 -10.88 -4.54
N LEU A 362 19.68 -12.14 -4.63
CA LEU A 362 21.09 -12.44 -4.47
C LEU A 362 21.91 -11.74 -5.56
N GLN A 363 23.10 -11.27 -5.17
CA GLN A 363 23.98 -10.49 -6.03
C GLN A 363 23.51 -9.04 -6.09
N GLY A 364 22.46 -8.71 -5.35
CA GLY A 364 21.92 -7.36 -5.41
C GLY A 364 21.43 -7.05 -6.80
N ASN A 365 21.67 -5.80 -7.23
CA ASN A 365 21.34 -5.34 -8.58
C ASN A 365 19.83 -5.25 -8.80
N VAL A 366 19.03 -5.64 -7.80
CA VAL A 366 17.58 -5.53 -7.93
C VAL A 366 16.94 -5.57 -6.55
N ASP A 367 16.04 -4.63 -6.30
CA ASP A 367 15.24 -4.55 -5.08
C ASP A 367 14.23 -3.42 -5.29
N SER A 368 13.46 -3.11 -4.25
CA SER A 368 12.50 -2.01 -4.31
C SER A 368 13.25 -0.69 -4.18
N CYS A 369 12.51 0.41 -4.04
CA CYS A 369 13.12 1.73 -3.89
C CYS A 369 12.01 2.72 -3.54
N GLN A 370 12.42 3.96 -3.27
CA GLN A 370 11.49 5.01 -2.90
C GLN A 370 10.46 5.22 -4.00
N GLY A 371 9.21 5.44 -3.61
CA GLY A 371 8.10 5.43 -4.53
C GLY A 371 7.55 4.04 -4.78
N ASP A 372 8.25 2.99 -4.36
CA ASP A 372 7.76 1.63 -4.37
C ASP A 372 7.38 1.19 -2.97
N SER A 373 7.13 2.16 -2.09
CA SER A 373 6.64 1.89 -0.74
C SER A 373 5.13 1.94 -0.77
N GLY A 374 4.49 0.86 -0.34
CA GLY A 374 3.09 0.65 -0.59
C GLY A 374 2.78 -0.04 -1.90
N GLY A 375 3.77 -0.69 -2.51
CA GLY A 375 3.59 -1.38 -3.76
C GLY A 375 3.41 -2.86 -3.57
N PRO A 376 2.95 -3.56 -4.62
CA PRO A 376 2.62 -4.98 -4.48
C PRO A 376 3.77 -5.93 -4.71
N LEU A 377 3.95 -6.90 -3.81
CA LEU A 377 4.82 -8.05 -4.03
C LEU A 377 3.94 -9.24 -4.37
N VAL A 378 4.14 -9.83 -5.55
CA VAL A 378 3.26 -10.89 -6.04
C VAL A 378 4.08 -12.05 -6.58
N THR A 379 3.45 -13.22 -6.62
CA THR A 379 4.05 -14.44 -7.13
C THR A 379 3.02 -15.16 -7.98
N SER A 380 3.49 -16.19 -8.69
CA SER A 380 2.63 -17.06 -9.49
C SER A 380 2.75 -18.48 -8.97
N LYS A 381 1.64 -19.03 -8.49
CA LYS A 381 1.57 -20.42 -8.06
C LYS A 381 0.25 -21.00 -8.54
N ASN A 382 0.32 -22.15 -9.19
CA ASN A 382 -0.86 -22.82 -9.73
C ASN A 382 -1.59 -21.91 -10.73
N ASN A 383 -0.82 -21.16 -11.52
CA ASN A 383 -1.33 -20.37 -12.63
C ASN A 383 -2.09 -19.12 -12.21
N ILE A 384 -1.93 -18.66 -10.97
CA ILE A 384 -2.65 -17.50 -10.46
C ILE A 384 -1.66 -16.56 -9.80
N TRP A 385 -1.75 -15.28 -10.13
CA TRP A 385 -0.93 -14.26 -9.47
C TRP A 385 -1.50 -13.96 -8.10
N TRP A 386 -0.71 -14.21 -7.06
CA TRP A 386 -1.12 -13.98 -5.68
C TRP A 386 -0.43 -12.75 -5.11
N LEU A 387 -1.09 -12.10 -4.16
CA LEU A 387 -0.54 -10.94 -3.47
C LEU A 387 0.09 -11.42 -2.16
N ILE A 388 1.41 -11.24 -2.03
CA ILE A 388 2.12 -11.70 -0.84
C ILE A 388 2.11 -10.62 0.23
N GLY A 389 2.44 -9.39 -0.15
CA GLY A 389 2.54 -8.32 0.82
C GLY A 389 2.60 -6.97 0.15
N ASP A 390 2.94 -5.96 0.95
CA ASP A 390 3.17 -4.61 0.44
C ASP A 390 4.38 -4.03 1.15
N THR A 391 5.06 -3.09 0.47
CA THR A 391 6.36 -2.63 0.91
C THR A 391 6.28 -1.87 2.23
N SER A 392 7.25 -2.13 3.11
CA SER A 392 7.33 -1.45 4.39
C SER A 392 8.56 -0.57 4.54
N TRP A 393 9.76 -1.13 4.42
CA TRP A 393 10.98 -0.36 4.63
C TRP A 393 12.20 -1.21 4.27
N GLY A 394 13.34 -0.56 4.19
CA GLY A 394 14.59 -1.20 3.83
C GLY A 394 15.79 -0.40 4.30
N SER A 395 16.98 -0.92 4.00
CA SER A 395 18.24 -0.30 4.44
C SER A 395 19.29 -0.26 3.34
N GLY A 396 18.93 0.22 2.15
CA GLY A 396 19.87 0.32 1.06
C GLY A 396 19.28 0.08 -0.32
N CYS A 397 18.20 -0.69 -0.42
CA CYS A 397 17.35 -0.64 -1.60
C CYS A 397 18.14 -0.89 -2.89
N ALA A 398 18.53 -2.15 -3.13
CA ALA A 398 19.47 -2.52 -4.19
C ALA A 398 20.90 -2.37 -3.69
N LYS A 399 21.08 -2.41 -2.37
CA LYS A 399 22.37 -2.55 -1.73
C LYS A 399 22.32 -3.78 -0.82
N ALA A 400 21.92 -4.90 -1.43
CA ALA A 400 21.48 -6.09 -0.71
C ALA A 400 22.51 -6.53 0.32
N TYR A 401 22.10 -7.51 1.14
CA TYR A 401 22.62 -7.76 2.48
C TYR A 401 21.94 -6.80 3.44
N ARG A 402 21.08 -5.94 2.90
CA ARG A 402 20.14 -5.13 3.68
C ARG A 402 18.88 -5.04 2.83
N PRO A 403 18.16 -6.15 2.64
CA PRO A 403 17.02 -6.15 1.71
C PRO A 403 15.78 -5.44 2.24
N GLY A 404 14.73 -5.40 1.41
CA GLY A 404 13.49 -4.74 1.78
C GLY A 404 12.60 -5.63 2.61
N VAL A 405 11.50 -5.04 3.09
CA VAL A 405 10.54 -5.73 3.95
C VAL A 405 9.14 -5.37 3.50
N TYR A 406 8.24 -6.34 3.57
CA TYR A 406 6.84 -6.15 3.19
C TYR A 406 5.93 -6.75 4.26
N GLY A 407 4.75 -6.15 4.40
CA GLY A 407 3.77 -6.68 5.33
C GLY A 407 3.11 -7.93 4.79
N ASN A 408 2.65 -8.76 5.71
CA ASN A 408 2.11 -10.08 5.37
C ASN A 408 0.62 -9.95 5.10
N VAL A 409 0.24 -9.99 3.82
CA VAL A 409 -1.16 -9.81 3.45
C VAL A 409 -2.01 -10.97 3.96
N MET A 410 -1.44 -12.18 3.96
CA MET A 410 -2.19 -13.34 4.42
C MET A 410 -2.66 -13.16 5.86
N VAL A 411 -1.82 -12.61 6.72
CA VAL A 411 -2.18 -12.46 8.12
C VAL A 411 -3.30 -11.46 8.30
N PHE A 412 -3.34 -10.39 7.49
CA PHE A 412 -4.38 -9.38 7.61
C PHE A 412 -5.63 -9.69 6.80
N THR A 413 -5.61 -10.74 5.97
CA THR A 413 -6.72 -10.98 5.07
C THR A 413 -8.07 -11.03 5.79
N ASP A 414 -8.11 -11.57 7.01
CA ASP A 414 -9.37 -11.64 7.74
C ASP A 414 -9.86 -10.24 8.12
N TRP A 415 -8.96 -9.36 8.56
CA TRP A 415 -9.36 -7.99 8.85
C TRP A 415 -9.79 -7.27 7.56
N ILE A 416 -9.14 -7.57 6.45
CA ILE A 416 -9.56 -7.00 5.16
C ILE A 416 -10.99 -7.42 4.86
N TYR A 417 -11.29 -8.71 5.03
CA TYR A 417 -12.64 -9.20 4.79
C TYR A 417 -13.64 -8.52 5.72
N ARG A 418 -13.29 -8.36 6.99
CA ARG A 418 -14.18 -7.71 7.93
C ARG A 418 -14.46 -6.27 7.53
N GLN A 419 -13.42 -5.53 7.12
CA GLN A 419 -13.61 -4.14 6.73
C GLN A 419 -14.47 -4.03 5.48
N MET A 420 -14.26 -4.91 4.50
CA MET A 420 -15.15 -4.92 3.33
C MET A 420 -16.57 -5.30 3.72
N ARG A 421 -16.72 -6.22 4.67
CA ARG A 421 -18.05 -6.70 5.06
C ARG A 421 -18.84 -5.61 5.76
N ALA A 422 -18.22 -4.92 6.72
CA ALA A 422 -18.93 -3.88 7.46
C ALA A 422 -19.36 -2.74 6.55
N ASP A 423 -18.49 -2.34 5.62
CA ASP A 423 -18.82 -1.26 4.69
C ASP A 423 -20.01 -1.59 3.81
N GLY A 424 -20.35 -2.87 3.64
CA GLY A 424 -21.47 -3.26 2.81
C GLY A 424 -22.81 -3.04 3.48
N GLN B 628 -10.83 27.75 -22.62
CA GLN B 628 -11.37 28.39 -21.43
C GLN B 628 -11.49 27.41 -20.26
N ASN B 629 -10.97 27.83 -19.10
CA ASN B 629 -11.19 27.10 -17.85
C ASN B 629 -10.54 25.72 -17.90
N LYS B 630 -9.26 25.68 -18.23
CA LYS B 630 -8.50 24.43 -18.19
C LYS B 630 -7.01 24.77 -18.17
N PHE B 631 -6.22 23.77 -17.78
CA PHE B 631 -4.78 23.94 -17.65
C PHE B 631 -4.10 23.86 -19.01
N LEU B 632 -2.78 24.05 -19.00
CA LEU B 632 -1.97 24.02 -20.21
C LEU B 632 -0.57 23.57 -19.85
N ILE B 633 -0.14 22.44 -20.40
CA ILE B 633 1.21 21.93 -20.25
C ILE B 633 1.94 22.18 -21.56
N PHE B 634 3.08 22.86 -21.49
CA PHE B 634 3.81 23.25 -22.69
C PHE B 634 5.30 23.27 -22.34
N ASN B 635 6.04 22.29 -22.86
CA ASN B 635 7.47 22.16 -22.61
C ASN B 635 7.75 22.13 -21.11
N GLU B 636 6.97 21.31 -20.40
CA GLU B 636 7.13 21.10 -18.95
C GLU B 636 6.66 22.31 -18.15
N ASP B 637 6.28 23.39 -18.81
CA ASP B 637 5.69 24.53 -18.14
C ASP B 637 4.19 24.27 -17.94
N VAL B 638 3.65 24.80 -16.86
CA VAL B 638 2.23 24.65 -16.54
C VAL B 638 1.61 26.04 -16.46
N TYR B 639 0.42 26.19 -17.03
CA TYR B 639 -0.32 27.43 -16.98
C TYR B 639 -1.77 27.11 -16.68
N TYR B 640 -2.57 28.16 -16.49
CA TYR B 640 -4.01 28.02 -16.36
C TYR B 640 -4.67 29.27 -16.92
N PHE B 641 -5.77 29.07 -17.64
CA PHE B 641 -6.53 30.16 -18.25
C PHE B 641 -7.93 30.21 -17.64
N ASP B 642 -8.37 31.41 -17.30
CA ASP B 642 -9.69 31.62 -16.71
C ASP B 642 -10.76 31.71 -17.79
N SER B 643 -11.96 32.16 -17.43
CA SER B 643 -13.04 32.29 -18.39
C SER B 643 -12.78 33.37 -19.44
N SER B 644 -11.75 34.21 -19.24
CA SER B 644 -11.41 35.25 -20.19
C SER B 644 -10.28 34.84 -21.14
N SER B 645 -9.90 33.56 -21.15
CA SER B 645 -8.86 33.04 -22.02
C SER B 645 -7.50 33.68 -21.75
N LYS B 646 -7.32 34.25 -20.56
CA LYS B 646 -6.08 34.90 -20.18
C LYS B 646 -5.40 34.09 -19.09
N ALA B 647 -4.09 33.86 -19.25
CA ALA B 647 -3.35 33.13 -18.24
C ALA B 647 -3.42 33.84 -16.90
N VAL B 648 -3.66 33.07 -15.85
CA VAL B 648 -3.81 33.61 -14.50
C VAL B 648 -2.46 33.65 -13.82
N THR B 649 -2.28 34.66 -12.96
CA THR B 649 -1.06 34.83 -12.19
C THR B 649 -1.42 35.10 -10.74
N GLY B 650 -0.51 34.73 -9.84
CA GLY B 650 -0.77 34.87 -8.42
C GLY B 650 -1.61 33.72 -7.90
N TRP B 651 -2.14 33.92 -6.69
CA TRP B 651 -2.97 32.88 -6.07
C TRP B 651 -4.28 32.73 -6.83
N ARG B 652 -4.66 31.49 -7.10
CA ARG B 652 -5.93 31.19 -7.73
C ARG B 652 -6.42 29.85 -7.21
N THR B 653 -7.70 29.82 -6.84
CA THR B 653 -8.32 28.61 -6.27
C THR B 653 -8.96 27.82 -7.40
N ILE B 654 -8.32 26.71 -7.78
CA ILE B 654 -8.82 25.82 -8.84
C ILE B 654 -9.14 24.48 -8.19
N ASP B 655 -10.41 24.08 -8.28
CA ASP B 655 -10.85 22.81 -7.71
C ASP B 655 -10.51 22.72 -6.22
N ASP B 656 -10.74 23.81 -5.50
CA ASP B 656 -10.47 23.88 -4.06
C ASP B 656 -9.00 23.64 -3.73
N HIS B 657 -8.12 24.01 -4.66
CA HIS B 657 -6.69 23.96 -4.45
C HIS B 657 -6.09 25.29 -4.91
N ARG B 658 -5.02 25.71 -4.24
CA ARG B 658 -4.39 26.99 -4.52
C ARG B 658 -3.07 26.75 -5.25
N PHE B 659 -2.90 27.43 -6.38
CA PHE B 659 -1.65 27.43 -7.12
C PHE B 659 -1.07 28.84 -7.12
N TYR B 660 0.23 28.94 -7.34
CA TYR B 660 0.92 30.21 -7.47
C TYR B 660 1.73 30.22 -8.75
N PHE B 661 1.54 31.24 -9.57
CA PHE B 661 2.22 31.37 -10.85
C PHE B 661 3.04 32.65 -10.87
N GLU B 662 4.24 32.56 -11.42
CA GLU B 662 5.17 33.67 -11.38
C GLU B 662 4.55 34.90 -12.05
N PRO B 663 4.58 36.07 -11.41
CA PRO B 663 4.03 37.26 -12.08
C PRO B 663 4.71 37.59 -13.39
N ASN B 664 6.02 37.40 -13.48
CA ASN B 664 6.76 37.80 -14.67
C ASN B 664 6.45 36.90 -15.87
N THR B 665 6.47 35.59 -15.68
CA THR B 665 6.34 34.65 -16.79
C THR B 665 5.03 33.87 -16.80
N GLY B 666 4.35 33.75 -15.67
CA GLY B 666 3.11 33.01 -15.60
C GLY B 666 3.28 31.51 -15.47
N ILE B 667 4.52 31.01 -15.45
CA ILE B 667 4.75 29.58 -15.30
C ILE B 667 4.35 29.14 -13.89
N GLY B 668 4.11 27.84 -13.74
CA GLY B 668 3.90 27.29 -12.41
C GLY B 668 5.12 27.49 -11.54
N ALA B 669 4.90 27.75 -10.26
CA ALA B 669 5.99 28.01 -9.33
C ALA B 669 6.83 26.75 -9.14
N ASN B 670 8.07 26.96 -8.70
CA ASN B 670 8.98 25.85 -8.45
C ASN B 670 9.97 26.23 -7.36
N GLY B 671 10.11 25.35 -6.37
CA GLY B 671 11.11 25.52 -5.33
C GLY B 671 10.67 26.48 -4.24
N TYR B 672 11.56 26.65 -3.27
CA TYR B 672 11.29 27.50 -2.12
C TYR B 672 10.95 28.91 -2.58
N LYS B 673 9.90 29.48 -1.99
CA LYS B 673 9.41 30.78 -2.41
C LYS B 673 8.75 31.47 -1.22
N THR B 674 9.49 32.34 -0.54
CA THR B 674 8.91 33.15 0.51
C THR B 674 7.88 34.11 -0.10
N LEU B 675 6.73 34.25 0.56
CA LEU B 675 5.66 35.11 0.06
C LEU B 675 4.95 35.74 1.24
N ASP B 676 5.09 37.06 1.38
CA ASP B 676 4.33 37.82 2.37
C ASP B 676 4.53 37.26 3.78
N GLY B 677 5.75 36.86 4.08
CA GLY B 677 6.08 36.32 5.39
C GLY B 677 5.69 34.89 5.59
N LYS B 678 5.10 34.23 4.60
CA LYS B 678 4.71 32.83 4.67
C LYS B 678 5.52 32.06 3.64
N ASN B 679 6.21 31.02 4.09
CA ASN B 679 7.16 30.29 3.26
C ASN B 679 6.58 28.96 2.82
N PHE B 680 6.71 28.65 1.53
CA PHE B 680 6.19 27.44 0.93
C PHE B 680 7.32 26.72 0.18
N TYR B 681 6.97 25.62 -0.50
CA TYR B 681 7.94 24.90 -1.32
C TYR B 681 7.17 24.30 -2.50
N PHE B 682 7.11 25.03 -3.59
CA PHE B 682 6.25 24.70 -4.71
C PHE B 682 6.89 23.67 -5.63
N ARG B 683 6.05 22.88 -6.28
CA ARG B 683 6.46 21.98 -7.35
C ARG B 683 5.35 22.02 -8.39
N ASN B 684 5.63 22.63 -9.55
CA ASN B 684 4.63 22.83 -10.60
C ASN B 684 3.47 23.69 -10.10
N GLY B 685 3.75 24.61 -9.18
CA GLY B 685 2.76 25.57 -8.73
C GLY B 685 1.86 25.10 -7.61
N LEU B 686 2.02 23.88 -7.12
CA LEU B 686 1.20 23.38 -6.02
C LEU B 686 2.05 23.22 -4.78
N PRO B 687 1.74 23.90 -3.66
CA PRO B 687 2.57 23.75 -2.47
C PRO B 687 2.62 22.29 -2.03
N GLN B 688 3.79 21.87 -1.56
CA GLN B 688 4.02 20.49 -1.18
C GLN B 688 4.00 20.34 0.35
N PHE B 689 3.78 19.10 0.78
CA PHE B 689 3.78 18.76 2.19
C PHE B 689 5.05 18.00 2.53
N GLY B 690 5.64 18.31 3.67
CA GLY B 690 6.79 17.59 4.15
C GLY B 690 7.95 18.48 4.56
N VAL B 691 9.16 18.02 4.30
CA VAL B 691 10.38 18.71 4.68
C VAL B 691 11.17 19.00 3.42
N PHE B 692 11.47 20.27 3.18
CA PHE B 692 12.23 20.65 2.00
C PHE B 692 13.18 21.79 2.33
N LYS B 693 14.41 21.67 1.82
CA LYS B 693 15.47 22.62 2.13
C LYS B 693 15.13 24.00 1.58
N GLY B 694 15.46 25.04 2.35
CA GLY B 694 15.30 26.40 1.93
C GLY B 694 16.57 27.20 2.11
N PRO B 695 16.48 28.53 2.02
CA PRO B 695 17.69 29.35 2.20
C PRO B 695 18.35 29.16 3.55
N ASP B 696 17.59 28.87 4.61
CA ASP B 696 18.15 28.65 5.93
C ASP B 696 18.30 27.17 6.27
N GLY B 697 17.61 26.28 5.55
CA GLY B 697 17.66 24.86 5.80
C GLY B 697 16.31 24.25 5.57
N PHE B 698 16.08 23.12 6.22
CA PHE B 698 14.83 22.37 6.08
C PHE B 698 13.73 22.98 6.94
N GLU B 699 12.48 22.73 6.54
CA GLU B 699 11.34 23.22 7.30
C GLU B 699 10.18 22.24 7.15
N TYR B 700 9.33 22.20 8.17
CA TYR B 700 8.15 21.34 8.19
C TYR B 700 7.00 22.07 7.50
N PHE B 701 6.94 21.94 6.18
CA PHE B 701 5.81 22.45 5.43
C PHE B 701 4.64 21.50 5.65
N ALA B 702 3.60 21.99 6.31
CA ALA B 702 2.55 21.15 6.88
C ALA B 702 1.19 21.46 6.26
N PRO B 703 0.25 20.53 6.35
CA PRO B 703 -1.09 20.79 5.81
C PRO B 703 -1.78 21.95 6.53
N ALA B 704 -2.96 22.30 6.00
CA ALA B 704 -3.68 23.46 6.50
C ALA B 704 -4.18 23.24 7.92
N ASN B 705 -4.21 24.33 8.69
CA ASN B 705 -4.73 24.32 10.06
C ASN B 705 -4.02 23.27 10.92
N THR B 706 -2.75 23.00 10.62
CA THR B 706 -1.95 22.15 11.50
C THR B 706 -1.39 22.91 12.69
N HIS B 707 -1.25 24.23 12.58
CA HIS B 707 -0.70 25.03 13.67
C HIS B 707 -1.07 26.49 13.44
N ASN B 708 -1.88 27.05 14.33
CA ASN B 708 -2.18 28.48 14.35
C ASN B 708 -2.76 28.96 13.02
N ASN B 709 -3.77 28.24 12.52
CA ASN B 709 -4.53 28.65 11.34
C ASN B 709 -3.61 28.89 10.15
N ASN B 710 -2.57 28.07 10.03
CA ASN B 710 -1.63 28.19 8.92
C ASN B 710 -2.29 27.75 7.62
N GLU B 711 -1.94 28.44 6.53
CA GLU B 711 -2.49 28.08 5.23
C GLU B 711 -1.98 26.71 4.79
N GLU B 712 -2.53 26.24 3.68
CA GLU B 712 -2.23 24.91 3.16
C GLU B 712 -0.77 24.87 2.69
N GLY B 713 0.06 24.08 3.37
CA GLY B 713 1.45 23.96 3.01
C GLY B 713 2.37 25.02 3.57
N GLN B 714 1.83 26.04 4.25
CA GLN B 714 2.65 27.08 4.85
C GLN B 714 3.61 26.48 5.87
N SER B 715 4.81 27.05 5.93
CA SER B 715 5.77 26.61 6.93
C SER B 715 5.32 27.04 8.31
N ILE B 716 5.47 26.16 9.30
CA ILE B 716 4.94 26.37 10.63
C ILE B 716 6.05 26.15 11.65
N THR B 717 5.85 26.72 12.84
CA THR B 717 6.82 26.62 13.92
C THR B 717 6.74 25.24 14.55
N TYR B 718 7.85 24.51 14.53
CA TYR B 718 7.90 23.11 14.98
C TYR B 718 9.25 22.91 15.67
N GLN B 719 9.27 23.09 17.00
CA GLN B 719 10.51 23.15 17.75
C GLN B 719 10.55 22.07 18.83
N ASN B 720 11.69 21.39 18.91
CA ASN B 720 11.95 20.39 19.96
C ASN B 720 10.85 19.35 20.00
N LYS B 721 10.72 18.62 18.90
CA LYS B 721 9.85 17.44 18.84
C LYS B 721 10.03 16.79 17.48
N PHE B 722 9.77 15.49 17.43
CA PHE B 722 9.98 14.73 16.21
C PHE B 722 8.86 14.98 15.21
N LEU B 723 9.16 14.70 13.95
CA LEU B 723 8.17 14.71 12.87
C LEU B 723 8.27 13.37 12.15
N VAL B 724 7.13 12.72 11.96
CA VAL B 724 7.04 11.48 11.21
C VAL B 724 6.17 11.74 9.98
N PHE B 725 6.63 11.28 8.82
CA PHE B 725 6.01 11.67 7.57
C PHE B 725 6.38 10.63 6.51
N LEU B 726 5.41 9.85 6.06
CA LEU B 726 5.63 8.81 5.06
C LEU B 726 6.75 7.86 5.47
N GLY B 727 6.84 7.55 6.76
CA GLY B 727 7.93 6.74 7.26
C GLY B 727 9.23 7.50 7.45
N ASN B 728 9.26 8.79 7.14
CA ASN B 728 10.42 9.62 7.36
C ASN B 728 10.33 10.26 8.74
N ARG B 729 11.37 10.10 9.55
CA ARG B 729 11.42 10.65 10.90
C ARG B 729 12.38 11.83 10.91
N TYR B 730 11.83 13.04 11.01
CA TYR B 730 12.60 14.26 11.14
C TYR B 730 12.61 14.71 12.59
N TYR B 731 13.66 15.45 12.96
CA TYR B 731 13.76 16.09 14.27
C TYR B 731 14.06 17.56 14.06
N PHE B 732 13.32 18.42 14.75
CA PHE B 732 13.50 19.86 14.66
C PHE B 732 14.09 20.41 15.95
N ASP B 733 14.88 21.47 15.81
CA ASP B 733 15.51 22.12 16.95
C ASP B 733 14.63 23.29 17.42
N SER B 734 15.19 24.12 18.30
CA SER B 734 14.42 25.22 18.89
C SER B 734 14.05 26.29 17.87
N SER B 735 14.76 26.38 16.75
CA SER B 735 14.52 27.39 15.75
C SER B 735 13.53 26.96 14.68
N SER B 736 12.93 25.78 14.82
CA SER B 736 12.00 25.23 13.83
C SER B 736 12.71 24.92 12.51
N LYS B 737 13.92 24.37 12.61
CA LYS B 737 14.66 23.86 11.47
C LYS B 737 15.10 22.43 11.79
N ALA B 738 14.98 21.55 10.81
CA ALA B 738 15.35 20.16 11.02
C ALA B 738 16.86 20.03 11.15
N VAL B 739 17.30 19.33 12.20
CA VAL B 739 18.71 19.09 12.45
C VAL B 739 19.23 18.14 11.39
N THR B 740 20.56 18.01 11.32
CA THR B 740 21.21 17.09 10.39
C THR B 740 22.40 16.46 11.09
N GLY B 741 23.01 15.47 10.42
CA GLY B 741 24.14 14.79 11.00
C GLY B 741 23.83 14.23 12.38
N TRP B 742 24.86 13.90 13.15
CA TRP B 742 24.66 13.28 14.45
C TRP B 742 23.90 14.20 15.39
N GLN B 743 23.06 13.62 16.23
CA GLN B 743 22.32 14.35 17.24
C GLN B 743 22.08 13.43 18.42
N THR B 744 21.86 14.03 19.60
CA THR B 744 21.49 13.29 20.80
C THR B 744 20.24 13.94 21.39
N ILE B 745 19.19 13.14 21.53
CA ILE B 745 17.90 13.64 22.00
C ILE B 745 17.39 12.68 23.08
N ASN B 746 17.17 13.20 24.28
CA ASN B 746 16.62 12.42 25.39
C ASN B 746 17.47 11.17 25.64
N GLY B 747 18.79 11.31 25.49
CA GLY B 747 19.70 10.21 25.69
C GLY B 747 19.83 9.26 24.52
N ASN B 748 19.14 9.52 23.41
CA ASN B 748 19.18 8.67 22.24
C ASN B 748 19.94 9.36 21.13
N THR B 749 20.92 8.66 20.55
CA THR B 749 21.77 9.21 19.50
C THR B 749 21.20 8.87 18.14
N TYR B 750 21.06 9.89 17.29
CA TYR B 750 20.46 9.76 15.98
C TYR B 750 21.45 10.19 14.91
N TYR B 751 21.07 9.99 13.65
CA TYR B 751 21.78 10.53 12.51
C TYR B 751 20.75 10.89 11.45
N PHE B 752 20.95 12.02 10.80
CA PHE B 752 20.00 12.54 9.83
C PHE B 752 20.75 12.82 8.54
N MET B 753 20.28 12.24 7.45
CA MET B 753 20.97 12.38 6.17
C MET B 753 21.09 13.86 5.82
N PRO B 754 22.30 14.36 5.56
CA PRO B 754 22.44 15.80 5.28
C PRO B 754 21.64 16.28 4.09
N ASP B 755 21.52 15.46 3.03
CA ASP B 755 20.86 15.89 1.82
C ASP B 755 19.34 15.76 1.88
N THR B 756 18.81 15.10 2.91
CA THR B 756 17.36 14.97 3.05
C THR B 756 16.85 15.19 4.47
N ALA B 757 17.72 15.20 5.47
CA ALA B 757 17.34 15.30 6.89
C ALA B 757 16.56 14.09 7.36
N ILE B 758 16.48 13.03 6.54
CA ILE B 758 15.76 11.82 6.91
C ILE B 758 16.62 11.03 7.90
N ALA B 759 16.02 10.61 9.00
CA ALA B 759 16.74 9.92 10.06
C ALA B 759 16.95 8.47 9.67
N ALA B 760 18.20 8.07 9.44
CA ALA B 760 18.51 6.69 9.12
C ALA B 760 17.80 5.75 10.09
N ALA B 761 17.34 4.61 9.59
CA ALA B 761 16.56 3.70 10.42
C ALA B 761 16.37 2.34 9.76
N GLY B 762 16.53 1.27 10.54
CA GLY B 762 16.15 -0.05 10.09
C GLY B 762 17.21 -0.81 9.31
N GLY B 763 18.37 -1.03 9.91
CA GLY B 763 19.41 -1.85 9.31
C GLY B 763 20.74 -1.14 9.27
N PHE B 764 21.74 -1.89 8.83
CA PHE B 764 23.11 -1.38 8.77
C PHE B 764 23.23 -0.28 7.72
N PHE B 765 23.87 0.82 8.10
CA PHE B 765 24.11 1.95 7.22
C PHE B 765 25.59 2.27 7.18
N THR B 766 26.06 2.74 6.03
CA THR B 766 27.46 3.09 5.83
C THR B 766 27.60 4.60 5.90
N ILE B 767 28.00 5.10 7.08
CA ILE B 767 28.11 6.53 7.35
C ILE B 767 29.56 6.84 7.68
N ASP B 768 30.10 7.87 7.03
CA ASP B 768 31.47 8.33 7.27
C ASP B 768 32.47 7.18 7.15
N GLY B 769 32.18 6.25 6.25
CA GLY B 769 33.05 5.10 6.06
C GLY B 769 33.11 4.19 7.26
N ALA B 770 31.95 3.91 7.85
CA ALA B 770 31.85 2.99 8.97
C ALA B 770 30.52 2.26 8.86
N ILE B 771 30.14 1.53 9.91
CA ILE B 771 28.89 0.81 9.96
C ILE B 771 28.14 1.20 11.23
N TYR B 772 26.86 1.53 11.08
CA TYR B 772 26.01 1.88 12.20
C TYR B 772 24.64 1.26 11.98
N PHE B 773 24.08 0.70 13.04
CA PHE B 773 22.79 0.01 12.99
C PHE B 773 21.76 0.80 13.78
N PHE B 774 20.64 1.11 13.14
CA PHE B 774 19.58 1.92 13.73
C PHE B 774 18.29 1.12 13.75
N GLY B 775 17.61 1.13 14.90
CA GLY B 775 16.29 0.54 14.96
C GLY B 775 15.30 1.30 14.10
N ILE B 776 14.15 0.75 13.80
CA ILE B 776 13.24 1.48 12.87
C ILE B 776 12.58 2.73 13.54
N ASP B 777 12.75 2.80 14.84
CA ASP B 777 12.44 4.12 15.40
C ASP B 777 13.50 5.14 15.01
N GLY B 778 14.65 4.70 14.51
CA GLY B 778 15.75 5.56 14.12
C GLY B 778 16.85 5.63 15.15
N VAL B 779 16.58 5.20 16.38
CA VAL B 779 17.59 5.24 17.43
C VAL B 779 18.74 4.30 17.07
N LYS B 780 19.96 4.75 17.34
CA LYS B 780 21.15 3.96 17.03
C LYS B 780 21.24 2.76 17.95
N GLN B 781 21.90 1.70 17.45
CA GLN B 781 22.22 0.53 18.26
C GLN B 781 23.73 0.53 18.51
N PRO B 782 24.19 0.50 19.75
CA PRO B 782 25.64 0.63 20.01
C PRO B 782 26.46 -0.44 19.31
N GLY B 783 26.20 -1.71 19.65
CA GLY B 783 26.90 -2.81 19.03
C GLY B 783 28.39 -2.84 19.30
N ILE B 784 28.87 -1.92 20.12
CA ILE B 784 30.30 -1.79 20.38
C ILE B 784 31.07 -1.73 19.07
#